data_7QWD
#
_entry.id   7QWD
#
_cell.length_a   34.108
_cell.length_b   48.994
_cell.length_c   89.376
_cell.angle_alpha   90.000
_cell.angle_beta   90.000
_cell.angle_gamma   90.000
#
_symmetry.space_group_name_H-M   'P 21 21 21'
#
loop_
_entity.id
_entity.type
_entity.pdbx_description
1 polymer CC-Type2-(Ug)4
2 non-polymer 'PHOSPHATE ION'
3 water water
#
_entity_poly.entity_id   1
_entity_poly.type   'polypeptide(L)'
_entity_poly.pdbx_seq_one_letter_code
;(ACE)GEIAQ(AIB)LKEIAK(AIB)LKEIA(4BF)(AIB)LKEIAQ(AIB)LKG(NH2)
;
_entity_poly.pdbx_strand_id   A,B,C,D,E
#
loop_
_chem_comp.id
_chem_comp.type
_chem_comp.name
_chem_comp.formula
ACE non-polymer 'ACETYL GROUP' 'C2 H4 O'
NH2 non-polymer 'AMINO GROUP' 'H2 N'
PO4 non-polymer 'PHOSPHATE ION' 'O4 P -3'
#
# COMPACT_ATOMS: atom_id res chain seq x y z
N GLY A 2 -5.32 11.14 -22.04
CA GLY A 2 -3.83 11.27 -22.17
C GLY A 2 -3.11 10.78 -20.94
N GLU A 3 -2.26 11.63 -20.36
CA GLU A 3 -1.34 11.28 -19.24
C GLU A 3 -2.15 10.78 -18.02
N ILE A 4 -3.29 11.40 -17.72
CA ILE A 4 -4.09 11.05 -16.52
C ILE A 4 -4.74 9.68 -16.76
N ALA A 5 -5.31 9.44 -17.94
CA ALA A 5 -5.87 8.13 -18.31
C ALA A 5 -4.78 7.06 -18.16
N GLN A 6 -3.56 7.33 -18.59
CA GLN A 6 -2.45 6.33 -18.51
C GLN A 6 -2.13 6.07 -17.04
N AIB A 7 -1.98 7.13 -16.24
CA AIB A 7 -1.69 7.00 -14.82
C AIB A 7 -2.76 6.11 -14.18
O AIB A 7 -2.48 5.23 -13.41
CB1 AIB A 7 -0.29 6.41 -14.66
CB2 AIB A 7 -1.74 8.40 -14.21
N LEU A 8 -4.04 6.38 -14.47
CA LEU A 8 -5.15 5.65 -13.87
C LEU A 8 -5.16 4.19 -14.31
N LYS A 9 -4.77 3.90 -15.55
CA LYS A 9 -4.65 2.49 -16.02
C LYS A 9 -3.58 1.77 -15.23
N GLU A 10 -2.45 2.43 -14.97
CA GLU A 10 -1.36 1.79 -14.18
C GLU A 10 -1.81 1.60 -12.75
N ILE A 11 -2.59 2.55 -12.19
CA ILE A 11 -3.08 2.42 -10.81
C ILE A 11 -3.99 1.19 -10.74
N ALA A 12 -4.90 1.06 -11.69
CA ALA A 12 -5.83 -0.09 -11.73
C ALA A 12 -5.01 -1.40 -11.81
N LYS A 13 -3.97 -1.45 -12.63
CA LYS A 13 -3.11 -2.68 -12.76
C LYS A 13 -2.50 -2.98 -11.39
N AIB A 14 -1.90 -1.95 -10.76
CA AIB A 14 -1.19 -2.12 -9.51
C AIB A 14 -2.15 -2.70 -8.48
O AIB A 14 -1.81 -3.59 -7.73
CB1 AIB A 14 0.02 -3.02 -9.73
CB2 AIB A 14 -0.70 -0.75 -9.04
N LEU A 15 -3.38 -2.16 -8.41
CA LEU A 15 -4.33 -2.55 -7.38
C LEU A 15 -4.79 -4.00 -7.62
N LYS A 16 -4.89 -4.44 -8.88
CA LYS A 16 -5.24 -5.86 -9.19
C LYS A 16 -4.14 -6.79 -8.65
N GLU A 17 -2.87 -6.40 -8.79
CA GLU A 17 -1.76 -7.23 -8.28
C GLU A 17 -1.77 -7.22 -6.76
N ILE A 18 -2.09 -6.07 -6.17
CA ILE A 18 -2.18 -5.95 -4.69
C ILE A 18 -3.26 -6.92 -4.17
N ALA A 19 -4.43 -6.92 -4.78
CA ALA A 19 -5.55 -7.79 -4.38
C ALA A 19 -5.10 -9.27 -4.48
CD1 4BF A 20 -1.70 -12.99 -7.35
CE1 4BF A 20 -1.35 -14.22 -7.83
CZ 4BF A 20 -2.23 -14.89 -8.64
BR 4BF A 20 -1.66 -16.53 -9.34
CE2 4BF A 20 -3.48 -14.39 -8.95
CD2 4BF A 20 -3.81 -13.15 -8.42
CG 4BF A 20 -2.94 -12.45 -7.60
CB 4BF A 20 -3.29 -11.09 -7.12
CA 4BF A 20 -3.89 -10.98 -5.73
N 4BF A 20 -4.36 -9.58 -5.59
C 4BF A 20 -2.92 -11.40 -4.60
O 4BF A 20 -3.14 -12.44 -3.94
N AIB A 21 -1.96 -10.53 -4.36
CA AIB A 21 -0.95 -10.78 -3.35
C AIB A 21 -1.59 -11.00 -2.00
O AIB A 21 -1.20 -11.88 -1.22
CB1 AIB A 21 -0.08 -11.99 -3.75
CB2 AIB A 21 -0.08 -9.53 -3.26
N LEU A 22 -2.55 -10.12 -1.67
CA LEU A 22 -3.18 -10.15 -0.35
C LEU A 22 -3.92 -11.47 -0.13
N LYS A 23 -4.57 -12.00 -1.18
CA LYS A 23 -5.25 -13.31 -1.03
C LYS A 23 -4.25 -14.42 -0.67
N GLU A 24 -3.08 -14.38 -1.26
CA GLU A 24 -2.04 -15.41 -1.03
C GLU A 24 -1.49 -15.20 0.37
N ILE A 25 -1.32 -13.96 0.83
CA ILE A 25 -0.87 -13.66 2.21
C ILE A 25 -1.90 -14.24 3.18
N ALA A 26 -3.18 -13.98 2.94
CA ALA A 26 -4.26 -14.49 3.82
C ALA A 26 -4.17 -16.02 3.92
N GLN A 27 -3.98 -16.68 2.78
CA GLN A 27 -3.94 -18.17 2.74
C GLN A 27 -2.71 -18.69 3.46
N AIB A 28 -1.55 -18.08 3.20
CA AIB A 28 -0.30 -18.46 3.86
C AIB A 28 -0.47 -18.45 5.37
O AIB A 28 0.01 -19.36 6.05
CB1 AIB A 28 0.13 -19.81 3.35
CB2 AIB A 28 0.77 -17.41 3.54
N LEU A 29 -1.17 -17.43 5.90
CA LEU A 29 -1.28 -17.28 7.34
C LEU A 29 -2.22 -18.35 7.92
N LYS A 30 -3.19 -18.85 7.16
CA LYS A 30 -4.07 -19.99 7.53
C LYS A 30 -3.31 -21.32 7.53
N GLY A 31 -2.21 -21.41 6.79
CA GLY A 31 -1.34 -22.61 6.68
C GLY A 31 -0.06 -22.30 5.92
C ACE B 1 14.75 -12.08 16.63
O ACE B 1 13.90 -11.24 16.78
CH3 ACE B 1 14.48 -13.51 17.04
N GLY B 2 15.96 -11.79 16.10
CA GLY B 2 16.26 -10.40 15.65
C GLY B 2 15.36 -10.01 14.51
N GLU B 3 15.07 -10.96 13.62
CA GLU B 3 14.09 -10.76 12.50
C GLU B 3 12.71 -10.40 13.06
N ILE B 4 12.28 -11.00 14.17
CA ILE B 4 10.94 -10.75 14.74
C ILE B 4 10.88 -9.32 15.27
N ALA B 5 11.91 -8.89 16.03
CA ALA B 5 12.00 -7.53 16.56
C ALA B 5 11.88 -6.55 15.39
N GLN B 6 12.62 -6.82 14.31
CA GLN B 6 12.67 -5.88 13.16
C GLN B 6 11.30 -5.82 12.52
N AIB B 7 10.71 -6.98 12.24
CA AIB B 7 9.42 -7.09 11.60
C AIB B 7 8.41 -6.27 12.39
O AIB B 7 7.68 -5.47 11.79
CB1 AIB B 7 9.52 -6.54 10.16
CB2 AIB B 7 9.00 -8.55 11.61
N LEU B 8 8.40 -6.43 13.73
CA LEU B 8 7.35 -5.81 14.50
C LEU B 8 7.50 -4.29 14.53
N LYS B 9 8.76 -3.82 14.55
CA LYS B 9 9.04 -2.37 14.53
C LYS B 9 8.52 -1.78 13.22
N GLU B 10 8.83 -2.45 12.11
CA GLU B 10 8.47 -1.92 10.78
C GLU B 10 6.95 -2.00 10.62
N ILE B 11 6.28 -3.01 11.17
CA ILE B 11 4.81 -3.12 11.03
C ILE B 11 4.19 -1.96 11.79
N ALA B 12 4.68 -1.65 13.01
CA ALA B 12 4.14 -0.50 13.76
C ALA B 12 4.27 0.80 12.91
N LYS B 13 5.42 1.01 12.28
CA LYS B 13 5.64 2.22 11.45
C LYS B 13 4.61 2.23 10.32
N AIB B 14 4.51 1.09 9.61
CA AIB B 14 3.69 0.93 8.44
C AIB B 14 2.27 1.32 8.79
O AIB B 14 1.61 2.02 8.00
CB1 AIB B 14 4.29 1.82 7.36
CB2 AIB B 14 3.73 -0.51 7.97
N LEU B 15 1.78 0.84 9.94
CA LEU B 15 0.38 1.09 10.30
C LEU B 15 0.10 2.58 10.51
N LYS B 16 1.07 3.29 11.05
CA LYS B 16 0.91 4.75 11.29
C LYS B 16 0.82 5.47 9.95
N GLU B 17 1.63 5.06 8.98
CA GLU B 17 1.62 5.70 7.65
CA GLU B 17 1.63 5.71 7.64
C GLU B 17 0.32 5.35 6.94
N ILE B 18 -0.16 4.12 7.10
CA ILE B 18 -1.43 3.72 6.48
C ILE B 18 -2.57 4.56 7.03
N ALA B 19 -2.65 4.71 8.34
CA ALA B 19 -3.70 5.55 8.98
C ALA B 19 -3.60 6.98 8.39
CD1 4BF B 20 0.31 10.94 6.23
CE1 4BF B 20 0.62 12.23 5.83
CZ 4BF B 20 -0.02 13.28 6.43
BR 4BF B 20 0.39 15.08 5.97
CE2 4BF B 20 -0.89 13.08 7.47
CD2 4BF B 20 -1.21 11.79 7.85
CG 4BF B 20 -0.59 10.70 7.26
CB 4BF B 20 -0.83 9.32 7.77
CA 4BF B 20 -2.27 8.84 7.66
N 4BF B 20 -2.36 7.47 8.18
C 4BF B 20 -2.78 8.90 6.23
O 4BF B 20 -3.54 9.80 5.93
N AIB B 21 -2.37 7.98 5.40
CA AIB B 21 -2.77 7.93 3.99
C AIB B 21 -4.29 7.94 3.93
O AIB B 21 -4.86 8.66 3.12
CB1 AIB B 21 -2.18 9.14 3.26
CB2 AIB B 21 -2.27 6.61 3.37
N LEU B 22 -4.93 7.09 4.76
CA LEU B 22 -6.37 6.96 4.70
C LEU B 22 -7.06 8.28 5.08
N LYS B 23 -6.53 8.99 6.07
CA LYS B 23 -7.09 10.30 6.45
C LYS B 23 -7.00 11.27 5.27
N GLU B 24 -5.87 11.27 4.57
CA GLU B 24 -5.68 12.22 3.46
C GLU B 24 -6.63 11.82 2.33
N ILE B 25 -6.82 10.53 2.08
CA ILE B 25 -7.76 10.05 1.04
C ILE B 25 -9.17 10.47 1.43
N ALA B 26 -9.56 10.31 2.68
CA ALA B 26 -10.91 10.71 3.13
C ALA B 26 -11.12 12.21 2.84
N GLN B 27 -10.12 13.03 3.13
CA GLN B 27 -10.24 14.48 2.93
C GLN B 27 -10.31 14.82 1.43
N AIB B 28 -9.44 14.21 0.65
CA AIB B 28 -9.40 14.38 -0.80
C AIB B 28 -10.77 14.10 -1.41
O AIB B 28 -11.20 14.81 -2.30
CB1 AIB B 28 -8.92 15.80 -1.11
CB2 AIB B 28 -8.44 13.37 -1.38
N LEU B 29 -11.43 13.03 -0.92
CA LEU B 29 -12.73 12.66 -1.50
C LEU B 29 -13.82 13.66 -1.14
N LYS B 30 -13.71 14.45 -0.08
CA LYS B 30 -14.65 15.57 0.21
C LYS B 30 -14.50 16.73 -0.78
N GLY B 31 -13.31 16.87 -1.40
CA GLY B 31 -12.92 17.96 -2.31
C GLY B 31 -13.43 17.72 -3.72
C ACE C 1 -4.80 21.39 -8.54
O ACE C 1 -5.49 20.52 -8.02
CH3 ACE C 1 -4.27 21.28 -9.98
N GLY C 2 -4.38 22.53 -7.97
CA GLY C 2 -4.78 23.13 -6.68
C GLY C 2 -4.78 22.13 -5.52
N GLU C 3 -5.85 22.18 -4.74
CA GLU C 3 -6.04 21.37 -3.51
C GLU C 3 -5.95 19.88 -3.83
N ILE C 4 -6.49 19.44 -4.97
CA ILE C 4 -6.52 17.97 -5.27
C ILE C 4 -5.07 17.55 -5.61
N ALA C 5 -4.36 18.32 -6.43
CA ALA C 5 -2.94 18.05 -6.74
C ALA C 5 -2.15 17.94 -5.43
N GLN C 6 -2.38 18.84 -4.48
CA GLN C 6 -1.60 18.84 -3.22
C GLN C 6 -1.91 17.57 -2.43
N AIB C 7 -3.22 17.24 -2.28
CA AIB C 7 -3.64 16.05 -1.57
C AIB C 7 -2.96 14.83 -2.19
O AIB C 7 -2.42 13.97 -1.49
CB1 AIB C 7 -3.24 16.18 -0.09
CB2 AIB C 7 -5.15 15.90 -1.77
N LEU C 8 -2.98 14.73 -3.51
CA LEU C 8 -2.46 13.56 -4.20
C LEU C 8 -0.95 13.49 -4.06
N LYS C 9 -0.25 14.61 -4.00
CA LYS C 9 1.22 14.60 -3.76
C LYS C 9 1.49 14.02 -2.37
N GLU C 10 0.72 14.39 -1.38
CA GLU C 10 0.94 13.84 0.00
C GLU C 10 0.61 12.36 0.01
N ILE C 11 -0.43 11.96 -0.72
CA ILE C 11 -0.80 10.52 -0.80
C ILE C 11 0.34 9.75 -1.47
N ALA C 12 0.90 10.27 -2.54
CA ALA C 12 2.04 9.65 -3.23
C ALA C 12 3.21 9.49 -2.26
N LYS C 13 3.52 10.51 -1.47
CA LYS C 13 4.64 10.44 -0.50
C LYS C 13 4.34 9.32 0.50
N AIB C 14 3.14 9.32 1.07
CA AIB C 14 2.76 8.35 2.08
C AIB C 14 2.94 6.94 1.51
O AIB C 14 3.47 6.03 2.17
CB1 AIB C 14 3.62 8.54 3.33
CB2 AIB C 14 1.28 8.58 2.40
N LEU C 15 2.45 6.71 0.31
CA LEU C 15 2.48 5.38 -0.29
C LEU C 15 3.93 4.97 -0.57
N LYS C 16 4.81 5.91 -0.95
CA LYS C 16 6.24 5.59 -1.15
C LYS C 16 6.85 5.10 0.15
N GLU C 17 6.51 5.72 1.27
CA GLU C 17 7.07 5.31 2.59
C GLU C 17 6.48 3.94 2.94
N ILE C 18 5.22 3.72 2.63
CA ILE C 18 4.59 2.39 2.89
C ILE C 18 5.29 1.32 2.05
N ALA C 19 5.56 1.57 0.77
CA ALA C 19 6.30 0.63 -0.09
C ALA C 19 7.66 0.32 0.54
CD1 4BF C 20 11.84 2.32 3.96
CE1 4BF C 20 13.06 2.07 4.58
CZ 4BF C 20 14.11 1.69 3.80
BR 4BF C 20 15.73 1.29 4.65
CE2 4BF C 20 14.00 1.48 2.45
CD2 4BF C 20 12.77 1.73 1.85
CG 4BF C 20 11.70 2.21 2.60
CB 4BF C 20 10.36 2.39 1.95
CA 4BF C 20 9.66 1.07 1.66
N 4BF C 20 8.31 1.33 1.11
C 4BF C 20 9.51 0.16 2.89
O 4BF C 20 10.26 -0.81 3.02
N AIB C 21 8.56 0.51 3.76
CA AIB C 21 8.31 -0.24 4.97
C AIB C 21 8.08 -1.72 4.62
O AIB C 21 8.58 -2.64 5.27
CB1 AIB C 21 9.50 -0.08 5.90
CB2 AIB C 21 7.08 0.31 5.66
N LEU C 22 7.23 -1.94 3.62
CA LEU C 22 6.83 -3.29 3.25
C LEU C 22 8.04 -4.06 2.72
N LYS C 23 8.94 -3.41 1.98
CA LYS C 23 10.16 -4.10 1.50
C LYS C 23 11.04 -4.50 2.69
N GLU C 24 11.12 -3.67 3.73
CA GLU C 24 11.91 -4.04 4.93
C GLU C 24 11.24 -5.23 5.63
N ILE C 25 9.92 -5.24 5.68
CA ILE C 25 9.15 -6.36 6.30
C ILE C 25 9.43 -7.62 5.47
N ALA C 26 9.38 -7.54 4.15
CA ALA C 26 9.65 -8.69 3.26
C ALA C 26 11.05 -9.25 3.58
N GLN C 27 12.03 -8.39 3.70
CA GLN C 27 13.44 -8.81 3.98
C GLN C 27 13.56 -9.48 5.33
N AIB C 28 12.96 -8.86 6.36
CA AIB C 28 12.99 -9.43 7.71
C AIB C 28 12.47 -10.87 7.68
O AIB C 28 13.02 -11.76 8.34
CB1 AIB C 28 14.42 -9.39 8.24
CB2 AIB C 28 12.04 -8.61 8.56
N LEU C 29 11.38 -11.09 6.93
CA LEU C 29 10.71 -12.38 6.92
C LEU C 29 11.42 -13.37 5.99
N LYS C 30 12.33 -12.92 5.12
CA LYS C 30 12.69 -13.59 3.83
C LYS C 30 13.49 -14.85 4.04
N GLY C 31 14.18 -14.98 5.17
N GLY D 2 -15.80 10.98 -10.05
CA GLY D 2 -15.16 10.57 -11.33
C GLY D 2 -14.03 9.59 -11.09
N GLU D 3 -13.20 9.37 -12.08
CA GLU D 3 -12.16 8.31 -12.12
C GLU D 3 -11.14 8.52 -11.01
N ILE D 4 -10.80 9.77 -10.62
CA ILE D 4 -9.81 9.99 -9.54
C ILE D 4 -10.44 9.58 -8.20
N ALA D 5 -11.68 9.99 -7.95
CA ALA D 5 -12.40 9.58 -6.72
C ALA D 5 -12.42 8.04 -6.68
N GLN D 6 -12.70 7.38 -7.79
CA GLN D 6 -12.77 5.89 -7.83
C GLN D 6 -11.40 5.29 -7.51
N AIB D 7 -10.32 5.80 -8.13
CA AIB D 7 -8.97 5.34 -7.86
C AIB D 7 -8.72 5.43 -6.35
O AIB D 7 -8.21 4.49 -5.73
CB1 AIB D 7 -8.82 3.89 -8.32
CB2 AIB D 7 -7.97 6.25 -8.59
N LEU D 8 -9.04 6.58 -5.75
CA LEU D 8 -8.73 6.83 -4.35
C LEU D 8 -9.54 5.89 -3.44
N LYS D 9 -10.78 5.59 -3.80
CA LYS D 9 -11.62 4.68 -3.01
C LYS D 9 -11.00 3.29 -3.04
N GLU D 10 -10.53 2.85 -4.21
CA GLU D 10 -9.92 1.49 -4.30
C GLU D 10 -8.59 1.48 -3.54
N ILE D 11 -7.85 2.57 -3.56
CA ILE D 11 -6.55 2.65 -2.82
C ILE D 11 -6.88 2.55 -1.33
N ALA D 12 -7.87 3.26 -0.84
CA ALA D 12 -8.28 3.18 0.58
C ALA D 12 -8.64 1.72 0.92
N LYS D 13 -9.39 1.04 0.08
CA LYS D 13 -9.75 -0.38 0.33
C LYS D 13 -8.46 -1.19 0.48
N AIB D 14 -7.55 -1.07 -0.50
CA AIB D 14 -6.33 -1.83 -0.52
C AIB D 14 -5.52 -1.60 0.76
O AIB D 14 -5.04 -2.55 1.35
CB1 AIB D 14 -6.71 -3.31 -0.70
CB2 AIB D 14 -5.49 -1.31 -1.71
N LEU D 15 -5.41 -0.34 1.19
CA LEU D 15 -4.63 0.00 2.36
C LEU D 15 -5.25 -0.60 3.62
N LYS D 16 -6.56 -0.66 3.71
CA LYS D 16 -7.25 -1.27 4.88
C LYS D 16 -6.92 -2.76 4.94
N GLU D 17 -6.91 -3.43 3.79
CA GLU D 17 -6.59 -4.89 3.76
C GLU D 17 -5.11 -5.06 4.08
N ILE D 18 -4.24 -4.16 3.63
CA ILE D 18 -2.79 -4.25 3.93
C ILE D 18 -2.60 -4.10 5.44
N ALA D 19 -3.26 -3.13 6.07
CA ALA D 19 -3.15 -2.93 7.52
C ALA D 19 -3.58 -4.22 8.23
CD1 4BF D 20 -7.03 -8.68 9.18
CE1 4BF D 20 -7.45 -9.47 10.24
CZ 4BF D 20 -7.99 -8.85 11.34
BR 4BF D 20 -8.53 -9.92 12.80
CE2 4BF D 20 -8.07 -7.48 11.44
CD2 4BF D 20 -7.61 -6.72 10.38
CG 4BF D 20 -7.09 -7.30 9.23
CB 4BF D 20 -6.55 -6.45 8.13
CA 4BF D 20 -5.12 -6.02 8.48
N 4BF D 20 -4.66 -4.84 7.72
C 4BF D 20 -4.13 -7.16 8.29
O 4BF D 20 -3.79 -7.83 9.26
N AIB D 21 -3.66 -7.37 7.08
CA AIB D 21 -2.66 -8.41 6.79
C AIB D 21 -1.45 -8.26 7.69
O AIB D 21 -0.97 -9.22 8.28
CB1 AIB D 21 -3.33 -9.77 6.95
CB2 AIB D 21 -2.21 -8.23 5.34
N LEU D 22 -0.96 -7.03 7.84
CA LEU D 22 0.23 -6.80 8.63
C LEU D 22 -0.03 -7.10 10.11
N LYS D 23 -1.20 -6.75 10.63
CA LYS D 23 -1.57 -7.07 12.03
C LYS D 23 -1.61 -8.59 12.21
N GLU D 24 -2.09 -9.36 11.22
CA GLU D 24 -2.13 -10.84 11.36
C GLU D 24 -0.70 -11.37 11.32
N ILE D 25 0.17 -10.76 10.51
CA ILE D 25 1.60 -11.19 10.45
C ILE D 25 2.22 -10.86 11.80
N ALA D 26 1.96 -9.69 12.38
CA ALA D 26 2.51 -9.35 13.71
C ALA D 26 2.07 -10.39 14.74
N GLN D 27 0.80 -10.78 14.73
CA GLN D 27 0.24 -11.75 15.72
C GLN D 27 0.90 -13.11 15.52
N AIB D 28 1.02 -13.58 14.26
CA AIB D 28 1.68 -14.84 13.94
C AIB D 28 3.08 -14.86 14.51
O AIB D 28 3.51 -15.86 15.09
CB1 AIB D 28 0.84 -16.00 14.49
CB2 AIB D 28 1.81 -14.94 12.43
N LEU D 29 3.83 -13.77 14.37
CA LEU D 29 5.22 -13.72 14.82
C LEU D 29 5.28 -13.72 16.35
N LYS D 30 4.28 -13.15 17.04
CA LYS D 30 4.17 -13.20 18.52
C LYS D 30 3.77 -14.59 19.01
N GLY D 31 3.16 -15.42 18.17
CA GLY D 31 2.66 -16.77 18.46
C GLY D 31 3.78 -17.80 18.48
N GLY E 2 -1.29 17.94 -16.01
CA GLY E 2 -0.10 18.65 -15.47
C GLY E 2 0.28 18.13 -14.11
N GLU E 3 0.07 18.93 -13.06
CA GLU E 3 0.34 18.57 -11.64
C GLU E 3 -0.41 17.27 -11.27
N ILE E 4 -1.67 17.15 -11.69
CA ILE E 4 -2.52 15.99 -11.31
C ILE E 4 -1.98 14.73 -11.99
N ALA E 5 -1.68 14.81 -13.29
CA ALA E 5 -1.08 13.68 -14.04
C ALA E 5 0.20 13.24 -13.31
N GLN E 6 1.05 14.18 -12.89
CA GLN E 6 2.32 13.84 -12.23
C GLN E 6 2.06 13.15 -10.90
N AIB E 7 1.16 13.72 -10.08
CA AIB E 7 0.82 13.15 -8.79
C AIB E 7 0.37 11.69 -8.98
O AIB E 7 0.81 10.80 -8.27
CB1 AIB E 7 2.04 13.21 -7.87
CB2 AIB E 7 -0.33 13.99 -8.23
N LEU E 8 -0.49 11.47 -9.96
CA LEU E 8 -1.07 10.17 -10.17
C LEU E 8 -0.02 9.19 -10.69
N LYS E 9 0.95 9.66 -11.47
CA LYS E 9 2.05 8.78 -11.93
C LYS E 9 2.88 8.35 -10.73
N GLU E 10 3.14 9.24 -9.77
CA GLU E 10 3.92 8.85 -8.57
C GLU E 10 3.10 7.84 -7.75
N ILE E 11 1.77 8.03 -7.67
CA ILE E 11 0.91 7.08 -6.94
C ILE E 11 0.99 5.71 -7.63
N ALA E 12 0.88 5.68 -8.93
CA ALA E 12 0.99 4.42 -9.71
C ALA E 12 2.33 3.73 -9.42
N LYS E 13 3.43 4.48 -9.39
CA LYS E 13 4.77 3.90 -9.10
C LYS E 13 4.74 3.30 -7.71
N AIB E 14 4.29 4.07 -6.73
CA AIB E 14 4.27 3.66 -5.33
C AIB E 14 3.52 2.34 -5.22
O AIB E 14 3.95 1.42 -4.52
CB1 AIB E 14 5.72 3.49 -4.86
CB2 AIB E 14 3.57 4.74 -4.54
N LEU E 15 2.35 2.27 -5.86
CA LEU E 15 1.50 1.11 -5.71
C LEU E 15 2.15 -0.11 -6.39
N LYS E 16 2.85 0.07 -7.48
CA LYS E 16 3.62 -1.03 -8.14
C LYS E 16 4.68 -1.59 -7.20
N GLU E 17 5.34 -0.75 -6.44
CA GLU E 17 6.38 -1.21 -5.47
C GLU E 17 5.67 -1.91 -4.33
N ILE E 18 4.52 -1.42 -3.92
CA ILE E 18 3.71 -2.07 -2.85
C ILE E 18 3.32 -3.47 -3.33
N ALA E 19 2.81 -3.61 -4.55
CA ALA E 19 2.44 -4.93 -5.11
C ALA E 19 3.67 -5.85 -5.08
CD1 4BF E 20 9.35 -5.03 -4.94
CE1 4BF E 20 10.58 -5.48 -4.51
CZ 4BF E 20 10.99 -6.72 -4.89
BR 4BF E 20 12.62 -7.38 -4.27
CE2 4BF E 20 10.20 -7.56 -5.62
CD2 4BF E 20 8.98 -7.09 -6.06
CG 4BF E 20 8.56 -5.82 -5.73
CB 4BF E 20 7.17 -5.36 -6.11
CA 4BF E 20 6.06 -6.15 -5.43
N 4BF E 20 4.84 -5.31 -5.39
C 4BF E 20 6.41 -6.63 -4.03
O 4BF E 20 6.59 -7.83 -3.81
N AIB E 21 6.41 -5.69 -3.08
CA AIB E 21 6.73 -5.98 -1.68
C AIB E 21 5.80 -7.09 -1.19
O AIB E 21 6.20 -7.99 -0.48
CB1 AIB E 21 8.19 -6.41 -1.56
CB2 AIB E 21 6.49 -4.71 -0.87
N LEU E 22 4.50 -6.92 -1.45
CA LEU E 22 3.50 -7.84 -0.92
C LEU E 22 3.69 -9.24 -1.53
N LYS E 23 4.05 -9.34 -2.80
CA LYS E 23 4.35 -10.67 -3.40
C LYS E 23 5.55 -11.32 -2.67
N GLU E 24 6.55 -10.53 -2.29
CA GLU E 24 7.70 -11.11 -1.56
C GLU E 24 7.26 -11.52 -0.16
N ILE E 25 6.36 -10.76 0.46
CA ILE E 25 5.83 -11.10 1.82
C ILE E 25 5.05 -12.41 1.68
N ALA E 26 4.22 -12.55 0.64
CA ALA E 26 3.46 -13.80 0.42
C ALA E 26 4.43 -14.97 0.32
N GLN E 27 5.51 -14.82 -0.44
CA GLN E 27 6.50 -15.90 -0.66
C GLN E 27 7.17 -16.27 0.66
N AIB E 28 7.64 -15.25 1.39
CA AIB E 28 8.27 -15.44 2.68
C AIB E 28 7.39 -16.28 3.59
O AIB E 28 7.84 -17.19 4.26
CB1 AIB E 28 9.61 -16.11 2.45
CB2 AIB E 28 8.47 -14.06 3.31
N LEU E 29 6.10 -15.94 3.64
CA LEU E 29 5.18 -16.57 4.59
C LEU E 29 4.89 -18.01 4.15
N LYS E 30 4.91 -18.31 2.85
CA LYS E 30 4.76 -19.67 2.29
C LYS E 30 5.99 -20.54 2.60
N GLY E 31 7.15 -19.94 2.86
CA GLY E 31 8.36 -20.64 3.33
C GLY E 31 8.27 -21.03 4.81
P PO4 F . -0.88 -20.60 -2.37
O1 PO4 F . -0.80 -19.46 -3.48
O2 PO4 F . 0.24 -20.41 -1.35
O3 PO4 F . -0.77 -22.04 -2.94
O4 PO4 F . -2.23 -20.50 -1.66
#